data_7DJY
#
_entry.id   7DJY
#
_cell.length_a   80.469
_cell.length_b   80.469
_cell.length_c   107.733
_cell.angle_alpha   90.00
_cell.angle_beta   90.00
_cell.angle_gamma   90.00
#
_symmetry.space_group_name_H-M   'P 42'
#
loop_
_entity.id
_entity.type
_entity.pdbx_description
1 polymer 'Clec4f Nanobody 322'
2 water water
#
_entity_poly.entity_id   1
_entity_poly.type   'polypeptide(L)'
_entity_poly.pdbx_seq_one_letter_code
;QVQLVESGGGLVQAGGSLRLSCAASGATFITYGMTWFRQAPGKEREFVAAVTGNGAGTTYLPSVKGRFTISRDNAKNTVY
LQMSSLKPEDTAVYYCGGRRWVPATAVDQVAYWGQGTQVTVSSHHHHHH
;
_entity_poly.pdbx_strand_id   A,B,C,D
#
# COMPACT_ATOMS: atom_id res chain seq x y z
N GLN A 1 23.61 -15.22 0.96
CA GLN A 1 22.34 -15.64 1.63
C GLN A 1 22.01 -14.68 2.79
N VAL A 2 21.84 -13.39 2.47
CA VAL A 2 21.32 -12.39 3.42
C VAL A 2 19.80 -12.39 3.35
N GLN A 3 19.15 -12.58 4.50
CA GLN A 3 17.70 -12.64 4.58
C GLN A 3 17.17 -11.75 5.70
N LEU A 4 16.16 -10.94 5.36
CA LEU A 4 15.42 -10.10 6.30
C LEU A 4 14.00 -10.66 6.42
N VAL A 5 13.59 -10.99 7.65
CA VAL A 5 12.26 -11.55 7.92
C VAL A 5 11.51 -10.65 8.90
N GLU A 6 10.29 -10.26 8.51
CA GLU A 6 9.49 -9.29 9.25
C GLU A 6 8.29 -9.93 9.93
N SER A 7 7.78 -9.22 10.95
CA SER A 7 6.64 -9.67 11.73
C SER A 7 6.07 -8.48 12.53
N GLY A 8 4.90 -8.72 13.15
CA GLY A 8 4.29 -7.76 14.06
C GLY A 8 3.14 -6.95 13.50
N GLY A 9 2.89 -7.10 12.19
CA GLY A 9 1.79 -6.42 11.51
C GLY A 9 0.45 -7.05 11.83
N GLY A 10 -0.59 -6.63 11.10
CA GLY A 10 -1.95 -7.11 11.28
C GLY A 10 -2.93 -5.95 11.34
N LEU A 11 -4.12 -6.24 11.88
CA LEU A 11 -5.20 -5.24 11.92
C LEU A 11 -5.37 -4.66 13.30
N VAL A 12 -5.63 -3.34 13.37
CA VAL A 12 -5.83 -2.63 14.63
C VAL A 12 -6.74 -1.40 14.40
N GLN A 13 -7.44 -0.97 15.45
CA GLN A 13 -8.32 0.19 15.38
C GLN A 13 -7.49 1.46 15.51
N ALA A 14 -8.04 2.58 15.00
CA ALA A 14 -7.40 3.89 15.04
C ALA A 14 -7.08 4.28 16.48
N GLY A 15 -5.91 4.92 16.67
CA GLY A 15 -5.37 5.24 17.97
C GLY A 15 -4.60 4.12 18.64
N GLY A 16 -4.57 2.95 18.00
CA GLY A 16 -3.92 1.75 18.51
C GLY A 16 -2.42 1.74 18.30
N SER A 17 -1.79 0.62 18.65
CA SER A 17 -0.35 0.44 18.59
C SER A 17 0.04 -0.93 18.02
N LEU A 18 1.18 -0.95 17.32
CA LEU A 18 1.82 -2.16 16.83
C LEU A 18 3.31 -2.04 17.09
N ARG A 19 4.01 -3.18 16.93
CA ARG A 19 5.45 -3.23 17.03
C ARG A 19 5.97 -4.18 15.95
N LEU A 20 6.54 -3.60 14.89
CA LEU A 20 7.14 -4.37 13.81
C LEU A 20 8.55 -4.77 14.19
N SER A 21 8.97 -5.95 13.73
CA SER A 21 10.32 -6.46 13.90
C SER A 21 10.85 -6.90 12.56
N CYS A 22 12.17 -6.79 12.37
CA CYS A 22 12.84 -7.30 11.18
C CYS A 22 14.19 -7.90 11.55
N ALA A 23 14.21 -9.23 11.70
CA ALA A 23 15.41 -9.97 12.04
C ALA A 23 16.24 -10.20 10.79
N ALA A 24 17.54 -9.90 10.91
CA ALA A 24 18.51 -10.06 9.83
C ALA A 24 19.47 -11.21 10.14
N SER A 25 19.97 -11.85 9.08
CA SER A 25 20.91 -12.95 9.16
C SER A 25 21.60 -13.15 7.81
N GLY A 26 22.91 -13.39 7.83
CA GLY A 26 23.71 -13.62 6.64
C GLY A 26 24.97 -12.79 6.63
N ALA A 27 24.79 -11.46 6.52
CA ALA A 27 25.88 -10.50 6.59
C ALA A 27 26.02 -9.97 8.02
N THR A 28 27.09 -9.21 8.27
CA THR A 28 27.36 -8.60 9.57
C THR A 28 26.41 -7.40 9.76
N PHE A 29 25.50 -7.54 10.72
CA PHE A 29 24.36 -6.65 10.89
C PHE A 29 24.73 -5.19 11.12
N ILE A 30 25.79 -4.94 11.89
CA ILE A 30 26.15 -3.58 12.32
C ILE A 30 26.74 -2.71 11.21
N THR A 31 27.13 -3.33 10.09
CA THR A 31 27.62 -2.61 8.92
C THR A 31 26.49 -2.12 8.00
N TYR A 32 25.24 -2.47 8.35
CA TYR A 32 24.06 -2.07 7.58
C TYR A 32 23.22 -1.03 8.31
N GLY A 33 22.84 0.02 7.58
CA GLY A 33 21.86 0.99 8.02
C GLY A 33 20.49 0.49 7.62
N MET A 34 19.61 0.33 8.61
CA MET A 34 18.28 -0.22 8.40
C MET A 34 17.23 0.89 8.30
N THR A 35 16.27 0.68 7.39
CA THR A 35 15.23 1.67 7.06
C THR A 35 13.89 0.98 6.89
N TRP A 36 12.83 1.63 7.40
CA TRP A 36 11.46 1.19 7.21
C TRP A 36 10.80 2.01 6.11
N PHE A 37 10.28 1.32 5.10
CA PHE A 37 9.48 1.89 4.04
C PHE A 37 8.06 1.33 4.14
N ARG A 38 7.09 2.05 3.55
CA ARG A 38 5.71 1.58 3.45
C ARG A 38 5.12 1.89 2.08
N GLN A 39 4.25 1.01 1.60
CA GLN A 39 3.61 1.14 0.31
C GLN A 39 2.13 0.80 0.39
N ALA A 40 1.26 1.80 0.19
CA ALA A 40 -0.19 1.56 0.00
C ALA A 40 -0.42 1.19 -1.46
N PRO A 41 -1.40 0.30 -1.80
CA PRO A 41 -1.57 -0.15 -3.19
C PRO A 41 -1.86 1.01 -4.14
N GLY A 42 -1.03 1.17 -5.18
CA GLY A 42 -1.18 2.22 -6.17
C GLY A 42 -0.30 3.45 -5.98
N LYS A 43 0.18 3.64 -4.74
CA LYS A 43 1.11 4.72 -4.40
C LYS A 43 2.56 4.23 -4.45
N GLU A 44 3.51 5.18 -4.51
CA GLU A 44 4.94 4.89 -4.46
C GLU A 44 5.37 4.49 -3.06
N ARG A 45 6.34 3.57 -2.99
CA ARG A 45 6.92 3.14 -1.73
C ARG A 45 7.67 4.31 -1.10
N GLU A 46 7.26 4.71 0.11
CA GLU A 46 7.79 5.90 0.78
C GLU A 46 8.59 5.59 2.04
N PHE A 47 9.58 6.46 2.32
CA PHE A 47 10.42 6.41 3.51
C PHE A 47 9.58 6.71 4.74
N VAL A 48 9.86 5.99 5.84
CA VAL A 48 9.17 6.16 7.12
C VAL A 48 10.14 6.53 8.24
N ALA A 49 11.14 5.67 8.44
CA ALA A 49 12.17 5.88 9.45
C ALA A 49 13.43 5.07 9.15
N ALA A 50 14.58 5.58 9.61
CA ALA A 50 15.88 4.95 9.38
C ALA A 50 16.75 5.04 10.62
N VAL A 51 17.65 4.06 10.78
CA VAL A 51 18.63 4.04 11.86
C VAL A 51 20.00 3.63 11.36
N THR A 52 21.04 4.18 11.99
CA THR A 52 22.43 3.92 11.65
C THR A 52 22.90 2.60 12.25
N GLY A 53 24.08 2.15 11.83
CA GLY A 53 24.65 0.89 12.29
C GLY A 53 24.79 0.75 13.80
N ASN A 54 25.30 1.81 14.44
CA ASN A 54 25.49 1.85 15.89
C ASN A 54 24.18 2.06 16.69
N GLY A 55 23.17 2.62 16.02
CA GLY A 55 21.84 2.82 16.59
C GLY A 55 21.60 4.22 17.16
N ALA A 56 22.61 5.08 17.06
CA ALA A 56 22.55 6.43 17.61
C ALA A 56 21.76 7.40 16.74
N GLY A 57 21.95 7.29 15.42
CA GLY A 57 21.36 8.20 14.45
C GLY A 57 20.04 7.69 13.92
N THR A 58 18.97 8.42 14.20
CA THR A 58 17.62 8.10 13.75
C THR A 58 17.00 9.29 13.01
N THR A 59 16.27 8.98 11.94
CA THR A 59 15.59 9.96 11.11
C THR A 59 14.16 9.47 10.84
N TYR A 60 13.21 10.41 10.80
CA TYR A 60 11.79 10.09 10.59
C TYR A 60 11.18 10.92 9.48
N LEU A 61 10.21 10.33 8.78
CA LEU A 61 9.29 11.07 7.92
C LEU A 61 8.53 12.03 8.83
N PRO A 62 8.47 13.35 8.51
CA PRO A 62 7.86 14.33 9.42
C PRO A 62 6.48 13.93 9.96
N SER A 63 5.64 13.34 9.09
CA SER A 63 4.29 12.87 9.43
C SER A 63 4.24 11.97 10.67
N VAL A 64 5.09 10.96 10.70
CA VAL A 64 5.09 9.92 11.74
C VAL A 64 6.03 10.22 12.92
N LYS A 65 6.73 11.34 12.87
CA LYS A 65 7.65 11.74 13.92
C LYS A 65 6.88 12.00 15.22
N GLY A 66 7.36 11.42 16.32
CA GLY A 66 6.71 11.51 17.62
C GLY A 66 5.83 10.31 17.90
N ARG A 67 5.05 9.90 16.89
CA ARG A 67 4.16 8.74 16.98
C ARG A 67 4.93 7.43 16.80
N PHE A 68 5.86 7.41 15.82
CA PHE A 68 6.66 6.22 15.50
C PHE A 68 8.04 6.33 16.14
N THR A 69 8.59 5.19 16.58
CA THR A 69 9.95 5.09 17.12
C THR A 69 10.67 3.91 16.49
N ILE A 70 11.84 4.18 15.92
CA ILE A 70 12.73 3.14 15.40
C ILE A 70 13.87 2.91 16.38
N SER A 71 14.35 1.66 16.42
CA SER A 71 15.44 1.23 17.29
C SER A 71 15.98 -0.10 16.80
N ARG A 72 17.12 -0.53 17.35
CA ARG A 72 17.72 -1.80 16.96
C ARG A 72 18.54 -2.39 18.10
N ASP A 73 18.56 -3.73 18.14
CA ASP A 73 19.39 -4.50 19.05
C ASP A 73 20.44 -5.22 18.23
N ASN A 74 21.67 -4.70 18.26
CA ASN A 74 22.78 -5.22 17.46
C ASN A 74 23.34 -6.56 17.96
N ALA A 75 22.91 -6.98 19.16
CA ALA A 75 23.26 -8.28 19.72
C ALA A 75 22.40 -9.39 19.12
N LYS A 76 21.08 -9.14 19.01
CA LYS A 76 20.13 -10.10 18.44
C LYS A 76 19.78 -9.85 16.96
N ASN A 77 20.52 -8.94 16.31
CA ASN A 77 20.37 -8.66 14.88
C ASN A 77 18.93 -8.39 14.44
N THR A 78 18.28 -7.43 15.09
CA THR A 78 16.91 -7.05 14.78
C THR A 78 16.74 -5.52 14.84
N VAL A 79 15.85 -5.02 14.00
CA VAL A 79 15.43 -3.63 14.00
C VAL A 79 13.93 -3.61 14.26
N TYR A 80 13.49 -2.65 15.09
CA TYR A 80 12.09 -2.52 15.48
C TYR A 80 11.51 -1.20 15.02
N LEU A 81 10.19 -1.18 14.82
CA LEU A 81 9.43 0.04 14.61
C LEU A 81 8.20 0.00 15.51
N GLN A 82 8.22 0.82 16.56
CA GLN A 82 7.12 0.96 17.51
C GLN A 82 6.18 2.04 17.01
N MET A 83 4.97 1.64 16.59
CA MET A 83 3.96 2.55 16.08
C MET A 83 2.94 2.86 17.18
N SER A 84 2.56 4.14 17.30
CA SER A 84 1.56 4.61 18.25
C SER A 84 0.62 5.59 17.55
N SER A 85 -0.55 5.80 18.17
CA SER A 85 -1.56 6.74 17.67
C SER A 85 -1.80 6.55 16.18
N LEU A 86 -1.99 5.29 15.77
CA LEU A 86 -2.16 4.93 14.36
C LEU A 86 -3.43 5.57 13.78
N LYS A 87 -3.26 6.21 12.60
CA LYS A 87 -4.35 6.79 11.85
C LYS A 87 -4.66 5.87 10.66
N PRO A 88 -5.81 6.06 9.96
CA PRO A 88 -6.07 5.35 8.71
C PRO A 88 -5.07 5.65 7.57
N GLU A 89 -4.39 6.80 7.66
CA GLU A 89 -3.26 7.18 6.79
C GLU A 89 -2.17 6.11 6.73
N ASP A 90 -1.89 5.49 7.88
CA ASP A 90 -0.77 4.58 8.08
C ASP A 90 -0.99 3.16 7.55
N THR A 91 -2.17 2.90 6.97
CA THR A 91 -2.48 1.61 6.37
C THR A 91 -1.60 1.42 5.14
N ALA A 92 -0.88 0.29 5.11
CA ALA A 92 0.02 -0.07 4.00
C ALA A 92 0.78 -1.36 4.33
N VAL A 93 1.57 -1.84 3.37
CA VAL A 93 2.55 -2.90 3.59
C VAL A 93 3.86 -2.22 3.96
N TYR A 94 4.40 -2.58 5.13
CA TYR A 94 5.64 -2.01 5.65
C TYR A 94 6.80 -2.93 5.33
N TYR A 95 7.81 -2.39 4.65
CA TYR A 95 9.02 -3.11 4.28
C TYR A 95 10.21 -2.60 5.05
N CYS A 96 11.15 -3.50 5.34
CA CYS A 96 12.42 -3.15 5.96
C CYS A 96 13.55 -3.34 4.95
N GLY A 97 14.34 -2.28 4.77
CA GLY A 97 15.43 -2.24 3.81
C GLY A 97 16.77 -2.01 4.47
N GLY A 98 17.78 -2.76 4.01
CA GLY A 98 19.15 -2.62 4.47
C GLY A 98 20.08 -2.09 3.40
N ARG A 99 20.97 -1.18 3.80
CA ARG A 99 22.04 -0.65 2.94
C ARG A 99 23.33 -0.52 3.75
N ARG A 100 24.45 -0.87 3.11
CA ARG A 100 25.73 -0.95 3.78
C ARG A 100 26.30 0.43 4.12
N TRP A 101 26.65 0.61 5.41
CA TRP A 101 27.33 1.76 6.00
C TRP A 101 26.43 2.96 6.32
N VAL A 102 25.49 3.27 5.44
CA VAL A 102 24.61 4.40 5.61
C VAL A 102 23.17 3.98 5.32
N PRO A 103 22.19 4.35 6.18
CA PRO A 103 20.79 4.01 5.91
C PRO A 103 20.33 4.57 4.57
N ALA A 104 19.51 3.79 3.86
CA ALA A 104 18.87 4.24 2.63
C ALA A 104 17.79 5.27 2.95
N THR A 105 17.67 6.29 2.10
CA THR A 105 16.63 7.31 2.21
C THR A 105 15.68 7.29 1.00
N ALA A 106 16.06 6.54 -0.04
CA ALA A 106 15.24 6.30 -1.23
C ALA A 106 15.29 4.83 -1.57
N VAL A 107 14.25 4.35 -2.26
CA VAL A 107 14.04 2.93 -2.56
C VAL A 107 15.22 2.33 -3.32
N ASP A 108 15.67 3.04 -4.35
CA ASP A 108 16.79 2.62 -5.22
C ASP A 108 18.08 2.24 -4.48
N GLN A 109 18.32 2.89 -3.32
CA GLN A 109 19.53 2.69 -2.53
C GLN A 109 19.56 1.37 -1.73
N VAL A 110 18.39 0.77 -1.51
CA VAL A 110 18.27 -0.44 -0.69
C VAL A 110 18.85 -1.67 -1.40
N ALA A 111 19.76 -2.37 -0.70
CA ALA A 111 20.45 -3.56 -1.21
C ALA A 111 19.68 -4.85 -0.89
N TYR A 112 19.05 -4.89 0.29
CA TYR A 112 18.32 -6.06 0.79
C TYR A 112 16.97 -5.67 1.41
N TRP A 113 15.91 -6.37 0.97
CA TRP A 113 14.54 -6.16 1.45
C TRP A 113 14.02 -7.34 2.26
N GLY A 114 13.02 -7.07 3.10
CA GLY A 114 12.23 -8.09 3.76
C GLY A 114 10.97 -8.35 2.95
N GLN A 115 10.25 -9.44 3.29
CA GLN A 115 9.06 -9.86 2.54
C GLN A 115 7.91 -8.85 2.60
N GLY A 116 7.87 -8.06 3.68
CA GLY A 116 6.87 -7.02 3.87
C GLY A 116 5.71 -7.54 4.70
N THR A 117 5.29 -6.76 5.70
CA THR A 117 4.24 -7.13 6.63
C THR A 117 3.11 -6.08 6.55
N GLN A 118 1.88 -6.56 6.38
CA GLN A 118 0.69 -5.71 6.23
C GLN A 118 0.28 -5.08 7.56
N VAL A 119 -0.10 -3.80 7.51
CA VAL A 119 -0.68 -3.08 8.63
C VAL A 119 -1.94 -2.42 8.11
N THR A 120 -3.08 -2.75 8.74
CA THR A 120 -4.37 -2.16 8.42
C THR A 120 -4.92 -1.45 9.65
N VAL A 121 -5.39 -0.22 9.46
CA VAL A 121 -5.92 0.61 10.54
C VAL A 121 -7.34 1.04 10.18
N SER A 122 -8.32 0.37 10.81
CA SER A 122 -9.73 0.62 10.59
C SER A 122 -10.24 1.72 11.52
N SER A 123 -11.44 2.23 11.20
CA SER A 123 -12.09 3.30 11.98
C SER A 123 -13.59 3.32 11.72
N GLN B 1 15.72 24.89 -15.26
CA GLN B 1 15.65 25.02 -16.75
C GLN B 1 14.74 23.97 -17.41
N VAL B 2 15.27 22.78 -17.69
CA VAL B 2 14.54 21.69 -18.34
C VAL B 2 13.85 20.85 -17.27
N GLN B 3 12.53 20.66 -17.42
CA GLN B 3 11.73 19.85 -16.52
C GLN B 3 10.85 18.86 -17.27
N LEU B 4 10.88 17.60 -16.84
CA LEU B 4 9.99 16.54 -17.31
C LEU B 4 9.03 16.17 -16.18
N VAL B 5 7.73 16.26 -16.45
CA VAL B 5 6.69 15.98 -15.46
C VAL B 5 5.76 14.88 -15.97
N GLU B 6 5.60 13.84 -15.15
CA GLU B 6 4.89 12.62 -15.54
C GLU B 6 3.55 12.48 -14.82
N SER B 7 2.67 11.67 -15.43
CA SER B 7 1.32 11.43 -14.93
C SER B 7 0.72 10.19 -15.61
N GLY B 8 -0.44 9.74 -15.11
CA GLY B 8 -1.19 8.66 -15.71
C GLY B 8 -1.06 7.30 -15.05
N GLY B 9 -0.17 7.20 -14.05
CA GLY B 9 0.04 5.98 -13.29
C GLY B 9 -1.08 5.74 -12.29
N GLY B 10 -0.86 4.78 -11.39
CA GLY B 10 -1.82 4.40 -10.37
C GLY B 10 -2.03 2.90 -10.33
N LEU B 11 -3.18 2.48 -9.80
CA LEU B 11 -3.50 1.08 -9.60
C LEU B 11 -4.49 0.58 -10.67
N VAL B 12 -4.27 -0.65 -11.14
CA VAL B 12 -5.18 -1.32 -12.07
C VAL B 12 -5.07 -2.84 -11.92
N GLN B 13 -6.17 -3.55 -12.25
CA GLN B 13 -6.18 -5.01 -12.21
C GLN B 13 -5.51 -5.58 -13.45
N ALA B 14 -5.03 -6.82 -13.34
CA ALA B 14 -4.35 -7.52 -14.43
C ALA B 14 -5.24 -7.60 -15.67
N GLY B 15 -4.61 -7.43 -16.84
CA GLY B 15 -5.31 -7.34 -18.12
C GLY B 15 -5.80 -5.94 -18.46
N GLY B 16 -5.62 -4.99 -17.53
CA GLY B 16 -6.08 -3.62 -17.67
C GLY B 16 -5.15 -2.76 -18.50
N SER B 17 -5.46 -1.46 -18.54
CA SER B 17 -4.75 -0.49 -19.36
C SER B 17 -4.50 0.82 -18.61
N LEU B 18 -3.37 1.46 -18.95
CA LEU B 18 -3.01 2.80 -18.47
C LEU B 18 -2.45 3.58 -19.65
N ARG B 19 -2.31 4.89 -19.45
CA ARG B 19 -1.68 5.78 -20.42
C ARG B 19 -0.83 6.78 -19.66
N LEU B 20 0.48 6.59 -19.69
CA LEU B 20 1.44 7.51 -19.09
C LEU B 20 1.69 8.68 -20.03
N SER B 21 1.93 9.85 -19.44
CA SER B 21 2.32 11.05 -20.17
C SER B 21 3.56 11.63 -19.51
N CYS B 22 4.40 12.29 -20.32
CA CYS B 22 5.56 13.02 -19.81
C CYS B 22 5.74 14.31 -20.60
N ALA B 23 5.25 15.41 -20.05
CA ALA B 23 5.34 16.72 -20.67
C ALA B 23 6.70 17.33 -20.39
N ALA B 24 7.34 17.83 -21.44
CA ALA B 24 8.66 18.45 -21.38
C ALA B 24 8.55 19.95 -21.61
N SER B 25 9.45 20.71 -20.99
CA SER B 25 9.51 22.17 -21.11
C SER B 25 10.88 22.67 -20.68
N GLY B 26 11.44 23.62 -21.44
CA GLY B 26 12.73 24.20 -21.15
C GLY B 26 13.61 24.27 -22.39
N ALA B 27 14.00 23.09 -22.89
CA ALA B 27 14.77 22.95 -24.11
C ALA B 27 13.84 22.70 -25.29
N THR B 28 14.41 22.70 -26.51
CA THR B 28 13.67 22.39 -27.73
C THR B 28 13.41 20.88 -27.79
N PHE B 29 12.14 20.51 -27.68
CA PHE B 29 11.70 19.13 -27.48
C PHE B 29 12.13 18.16 -28.58
N ILE B 30 12.12 18.62 -29.82
CA ILE B 30 12.33 17.77 -31.01
C ILE B 30 13.79 17.32 -31.18
N THR B 31 14.72 17.97 -30.46
CA THR B 31 16.13 17.60 -30.46
C THR B 31 16.45 16.49 -29.45
N TYR B 32 15.44 16.07 -28.67
CA TYR B 32 15.59 15.04 -27.65
C TYR B 32 14.90 13.73 -28.03
N GLY B 33 15.62 12.63 -27.88
CA GLY B 33 15.08 11.29 -27.98
C GLY B 33 14.58 10.88 -26.62
N MET B 34 13.28 10.56 -26.54
CA MET B 34 12.64 10.24 -25.27
C MET B 34 12.53 8.72 -25.09
N THR B 35 12.73 8.28 -23.84
CA THR B 35 12.78 6.88 -23.47
C THR B 35 12.04 6.65 -22.15
N TRP B 36 11.29 5.55 -22.08
CA TRP B 36 10.64 5.10 -20.86
C TRP B 36 11.47 3.99 -20.21
N PHE B 37 11.82 4.21 -18.94
CA PHE B 37 12.46 3.21 -18.09
C PHE B 37 11.50 2.86 -16.96
N ARG B 38 11.71 1.69 -16.34
CA ARG B 38 10.97 1.29 -15.15
C ARG B 38 11.88 0.61 -14.15
N GLN B 39 11.57 0.80 -12.85
CA GLN B 39 12.35 0.23 -11.77
C GLN B 39 11.43 -0.36 -10.69
N ALA B 40 11.46 -1.69 -10.55
CA ALA B 40 10.81 -2.38 -9.45
C ALA B 40 11.72 -2.31 -8.23
N PRO B 41 11.19 -2.28 -6.98
CA PRO B 41 12.05 -2.22 -5.79
C PRO B 41 13.00 -3.41 -5.71
N GLY B 42 14.31 -3.12 -5.63
CA GLY B 42 15.35 -4.15 -5.54
C GLY B 42 16.05 -4.49 -6.84
N LYS B 43 15.37 -4.21 -7.97
CA LYS B 43 15.90 -4.49 -9.31
C LYS B 43 16.55 -3.24 -9.91
N GLU B 44 17.36 -3.46 -10.95
CA GLU B 44 17.98 -2.38 -11.72
C GLU B 44 16.97 -1.73 -12.64
N ARG B 45 17.12 -0.42 -12.84
CA ARG B 45 16.25 0.35 -13.73
C ARG B 45 16.46 -0.12 -15.17
N GLU B 46 15.38 -0.61 -15.80
CA GLU B 46 15.45 -1.24 -17.12
C GLU B 46 14.74 -0.44 -18.21
N PHE B 47 15.26 -0.57 -19.44
CA PHE B 47 14.69 0.03 -20.65
C PHE B 47 13.35 -0.62 -20.95
N VAL B 48 12.39 0.19 -21.41
CA VAL B 48 11.03 -0.27 -21.79
C VAL B 48 10.73 0.04 -23.25
N ALA B 49 10.81 1.33 -23.60
CA ALA B 49 10.55 1.80 -24.95
C ALA B 49 11.19 3.16 -25.18
N ALA B 50 11.53 3.43 -26.45
CA ALA B 50 12.18 4.68 -26.85
C ALA B 50 11.62 5.17 -28.18
N VAL B 51 11.65 6.49 -28.36
CA VAL B 51 11.23 7.13 -29.60
C VAL B 51 12.20 8.23 -30.00
N THR B 52 12.36 8.41 -31.32
CA THR B 52 13.25 9.40 -31.90
C THR B 52 12.61 10.78 -31.90
N GLY B 53 13.39 11.81 -32.20
CA GLY B 53 12.95 13.20 -32.21
C GLY B 53 11.74 13.46 -33.11
N ASN B 54 11.78 12.92 -34.34
CA ASN B 54 10.70 13.08 -35.32
C ASN B 54 9.47 12.19 -35.03
N GLY B 55 9.68 11.12 -34.27
CA GLY B 55 8.61 10.23 -33.85
C GLY B 55 8.44 8.98 -34.70
N ALA B 56 9.29 8.84 -35.72
CA ALA B 56 9.21 7.73 -36.67
C ALA B 56 9.81 6.44 -36.13
N GLY B 57 10.95 6.58 -35.44
CA GLY B 57 11.72 5.44 -34.94
C GLY B 57 11.34 5.08 -33.53
N THR B 58 10.79 3.87 -33.36
CA THR B 58 10.39 3.34 -32.05
C THR B 58 11.03 1.98 -31.82
N THR B 59 11.48 1.76 -30.59
CA THR B 59 12.09 0.50 -30.16
C THR B 59 11.48 0.08 -28.83
N TYR B 60 11.31 -1.24 -28.64
CA TYR B 60 10.69 -1.80 -27.44
C TYR B 60 11.53 -2.89 -26.82
N LEU B 61 11.45 -3.00 -25.49
CA LEU B 61 11.90 -4.17 -24.76
C LEU B 61 11.07 -5.34 -25.26
N PRO B 62 11.69 -6.47 -25.69
CA PRO B 62 10.94 -7.58 -26.30
C PRO B 62 9.69 -8.02 -25.51
N SER B 63 9.80 -8.06 -24.18
CA SER B 63 8.72 -8.44 -23.26
C SER B 63 7.41 -7.67 -23.49
N VAL B 64 7.51 -6.34 -23.57
CA VAL B 64 6.36 -5.44 -23.66
C VAL B 64 5.94 -5.08 -25.10
N LYS B 65 6.68 -5.60 -26.08
CA LYS B 65 6.39 -5.34 -27.49
C LYS B 65 5.03 -5.92 -27.85
N GLY B 66 4.20 -5.12 -28.52
CA GLY B 66 2.84 -5.50 -28.87
C GLY B 66 1.81 -5.01 -27.87
N ARG B 67 2.12 -5.19 -26.58
CA ARG B 67 1.28 -4.74 -25.48
C ARG B 67 1.41 -3.24 -25.22
N PHE B 68 2.66 -2.74 -25.25
CA PHE B 68 2.97 -1.33 -25.00
C PHE B 68 3.18 -0.59 -26.33
N THR B 69 2.74 0.67 -26.36
CA THR B 69 2.95 1.56 -27.50
C THR B 69 3.48 2.91 -27.02
N ILE B 70 4.61 3.34 -27.59
CA ILE B 70 5.17 4.66 -27.35
C ILE B 70 4.85 5.57 -28.54
N SER B 71 4.67 6.86 -28.26
CA SER B 71 4.40 7.89 -29.26
C SER B 71 4.70 9.25 -28.66
N ARG B 72 4.71 10.28 -29.50
CA ARG B 72 4.92 11.63 -29.03
C ARG B 72 4.21 12.63 -29.92
N ASP B 73 3.79 13.74 -29.30
CA ASP B 73 3.22 14.89 -29.98
C ASP B 73 4.19 16.05 -29.84
N ASN B 74 4.93 16.34 -30.92
CA ASN B 74 5.97 17.37 -30.94
C ASN B 74 5.44 18.80 -30.93
N ALA B 75 4.11 18.95 -31.14
CA ALA B 75 3.43 20.23 -31.05
C ALA B 75 3.17 20.63 -29.58
N LYS B 76 2.70 19.66 -28.79
CA LYS B 76 2.41 19.86 -27.37
C LYS B 76 3.52 19.39 -26.41
N ASN B 77 4.69 19.05 -26.96
CA ASN B 77 5.87 18.66 -26.19
C ASN B 77 5.60 17.60 -25.12
N THR B 78 5.04 16.46 -25.56
CA THR B 78 4.74 15.34 -24.68
C THR B 78 5.07 14.01 -25.35
N VAL B 79 5.45 13.03 -24.51
CA VAL B 79 5.64 11.66 -24.93
C VAL B 79 4.67 10.79 -24.12
N TYR B 80 4.06 9.82 -24.80
CA TYR B 80 3.08 8.93 -24.18
C TYR B 80 3.57 7.49 -24.19
N LEU B 81 3.07 6.71 -23.22
CA LEU B 81 3.24 5.26 -23.20
C LEU B 81 1.88 4.64 -22.90
N GLN B 82 1.29 4.03 -23.94
CA GLN B 82 0.00 3.34 -23.84
C GLN B 82 0.26 1.88 -23.48
N MET B 83 -0.12 1.50 -22.27
CA MET B 83 0.06 0.13 -21.76
C MET B 83 -1.25 -0.64 -21.88
N SER B 84 -1.15 -1.89 -22.34
CA SER B 84 -2.29 -2.80 -22.46
C SER B 84 -1.90 -4.18 -21.95
N SER B 85 -2.91 -5.00 -21.64
CA SER B 85 -2.72 -6.37 -21.17
C SER B 85 -1.68 -6.42 -20.05
N LEU B 86 -1.81 -5.53 -19.07
CA LEU B 86 -0.87 -5.42 -17.96
C LEU B 86 -0.82 -6.69 -17.13
N LYS B 87 0.40 -7.17 -16.87
CA LYS B 87 0.66 -8.32 -16.00
C LYS B 87 1.18 -7.80 -14.66
N PRO B 88 1.23 -8.65 -13.60
CA PRO B 88 1.91 -8.28 -12.35
C PRO B 88 3.43 -8.02 -12.49
N GLU B 89 4.04 -8.58 -13.55
CA GLU B 89 5.42 -8.28 -13.97
C GLU B 89 5.69 -6.78 -14.12
N ASP B 90 4.71 -6.05 -14.67
CA ASP B 90 4.85 -4.65 -15.07
C ASP B 90 4.73 -3.64 -13.93
N THR B 91 4.54 -4.14 -12.69
CA THR B 91 4.49 -3.30 -11.51
C THR B 91 5.87 -2.71 -11.27
N ALA B 92 5.93 -1.37 -11.16
CA ALA B 92 7.17 -0.62 -10.95
C ALA B 92 6.91 0.88 -10.99
N VAL B 93 7.96 1.66 -10.72
CA VAL B 93 7.94 3.10 -10.95
C VAL B 93 8.50 3.33 -12.35
N TYR B 94 7.71 4.00 -13.20
CA TYR B 94 8.07 4.27 -14.59
C TYR B 94 8.64 5.68 -14.69
N TYR B 95 9.85 5.78 -15.24
CA TYR B 95 10.54 7.05 -15.44
C TYR B 95 10.67 7.35 -16.92
N CYS B 96 10.63 8.65 -17.24
CA CYS B 96 10.85 9.13 -18.60
C CYS B 96 12.19 9.87 -18.65
N GLY B 97 13.04 9.45 -19.59
CA GLY B 97 14.38 9.98 -19.76
C GLY B 97 14.58 10.60 -21.13
N GLY B 98 15.24 11.77 -21.14
CA GLY B 98 15.55 12.49 -22.36
C GLY B 98 17.04 12.55 -22.62
N ARG B 99 17.43 12.36 -23.88
CA ARG B 99 18.81 12.50 -24.33
C ARG B 99 18.83 13.17 -25.71
N ARG B 100 19.80 14.07 -25.89
CA ARG B 100 19.85 14.90 -27.08
C ARG B 100 20.29 14.12 -28.32
N TRP B 101 19.47 14.23 -29.37
CA TRP B 101 19.70 13.71 -30.74
C TRP B 101 19.35 12.24 -30.94
N VAL B 102 19.68 11.39 -29.95
CA VAL B 102 19.45 9.97 -30.05
C VAL B 102 18.82 9.48 -28.74
N PRO B 103 17.76 8.65 -28.79
CA PRO B 103 17.18 8.10 -27.55
C PRO B 103 18.21 7.31 -26.75
N ALA B 104 18.16 7.44 -25.42
CA ALA B 104 18.98 6.63 -24.52
C ALA B 104 18.49 5.19 -24.51
N THR B 105 19.42 4.25 -24.44
CA THR B 105 19.11 2.83 -24.29
C THR B 105 19.62 2.24 -22.96
N ALA B 106 20.44 3.02 -22.25
CA ALA B 106 20.93 2.68 -20.93
C ALA B 106 20.82 3.91 -20.02
N VAL B 107 20.71 3.65 -18.71
CA VAL B 107 20.45 4.69 -17.72
C VAL B 107 21.47 5.81 -17.74
N ASP B 108 22.76 5.45 -17.79
CA ASP B 108 23.89 6.40 -17.82
C ASP B 108 23.81 7.48 -18.92
N GLN B 109 23.17 7.15 -20.05
CA GLN B 109 23.05 8.03 -21.21
C GLN B 109 22.03 9.16 -21.03
N VAL B 110 21.09 8.99 -20.10
CA VAL B 110 20.00 9.95 -19.89
C VAL B 110 20.49 11.25 -19.27
N ALA B 111 20.16 12.37 -19.91
CA ALA B 111 20.55 13.72 -19.49
C ALA B 111 19.53 14.35 -18.53
N TYR B 112 18.24 14.07 -18.78
CA TYR B 112 17.13 14.62 -17.98
C TYR B 112 16.09 13.54 -17.65
N TRP B 113 15.71 13.47 -16.36
CA TRP B 113 14.70 12.55 -15.86
C TRP B 113 13.42 13.26 -15.41
N GLY B 114 12.32 12.51 -15.38
CA GLY B 114 11.09 12.93 -14.74
C GLY B 114 11.04 12.37 -13.34
N GLN B 115 10.09 12.86 -12.52
CA GLN B 115 9.97 12.49 -11.11
C GLN B 115 9.64 11.00 -10.90
N GLY B 116 8.97 10.39 -11.90
CA GLY B 116 8.63 8.98 -11.87
C GLY B 116 7.23 8.78 -11.33
N THR B 117 6.44 7.95 -12.04
CA THR B 117 5.05 7.70 -11.72
C THR B 117 4.86 6.19 -11.45
N GLN B 118 4.24 5.87 -10.31
CA GLN B 118 4.02 4.49 -9.88
C GLN B 118 2.92 3.82 -10.69
N VAL B 119 3.15 2.55 -11.06
CA VAL B 119 2.16 1.68 -11.68
C VAL B 119 2.14 0.40 -10.88
N THR B 120 0.98 0.05 -10.35
CA THR B 120 0.77 -1.19 -9.61
C THR B 120 -0.31 -2.00 -10.32
N VAL B 121 -0.02 -3.30 -10.51
CA VAL B 121 -0.92 -4.22 -11.19
C VAL B 121 -1.21 -5.41 -10.27
N SER B 122 -2.40 -5.38 -9.66
CA SER B 122 -2.87 -6.40 -8.74
C SER B 122 -3.55 -7.55 -9.48
N SER B 123 -3.74 -8.67 -8.77
CA SER B 123 -4.45 -9.84 -9.27
C SER B 123 -4.91 -10.73 -8.11
N GLN C 1 -14.90 -9.04 -1.94
CA GLN C 1 -15.53 -7.76 -1.49
C GLN C 1 -15.64 -6.77 -2.66
N VAL C 2 -16.18 -5.59 -2.37
CA VAL C 2 -16.27 -4.47 -3.31
C VAL C 2 -14.97 -3.66 -3.23
N GLN C 3 -14.33 -3.46 -4.38
CA GLN C 3 -13.08 -2.70 -4.45
C GLN C 3 -13.13 -1.66 -5.59
N LEU C 4 -12.76 -0.42 -5.24
CA LEU C 4 -12.59 0.68 -6.18
C LEU C 4 -11.11 1.00 -6.29
N VAL C 5 -10.58 0.96 -7.51
CA VAL C 5 -9.18 1.24 -7.78
C VAL C 5 -9.05 2.40 -8.77
N GLU C 6 -8.26 3.41 -8.38
CA GLU C 6 -8.14 4.65 -9.11
C GLU C 6 -6.79 4.81 -9.79
N SER C 7 -6.75 5.67 -10.81
CA SER C 7 -5.56 5.93 -11.61
C SER C 7 -5.74 7.19 -12.43
N GLY C 8 -4.64 7.65 -13.05
CA GLY C 8 -4.65 8.78 -13.97
C GLY C 8 -4.16 10.10 -13.42
N GLY C 9 -3.86 10.13 -12.11
CA GLY C 9 -3.34 11.30 -11.44
C GLY C 9 -1.88 11.53 -11.77
N GLY C 10 -1.27 12.49 -11.06
CA GLY C 10 0.13 12.85 -11.23
C GLY C 10 0.32 14.34 -11.30
N LEU C 11 1.45 14.77 -11.84
CA LEU C 11 1.85 16.16 -11.91
C LEU C 11 1.60 16.74 -13.31
N VAL C 12 1.14 17.99 -13.36
CA VAL C 12 0.91 18.71 -14.62
C VAL C 12 1.00 20.23 -14.37
N GLN C 13 1.36 20.98 -15.42
CA GLN C 13 1.43 22.43 -15.35
C GLN C 13 0.04 23.03 -15.49
N ALA C 14 -0.12 24.26 -14.97
CA ALA C 14 -1.40 24.98 -15.02
C ALA C 14 -1.89 25.13 -16.46
N GLY C 15 -3.21 25.00 -16.64
CA GLY C 15 -3.84 24.98 -17.94
C GLY C 15 -3.86 23.61 -18.61
N GLY C 16 -3.23 22.62 -17.96
CA GLY C 16 -3.11 21.26 -18.46
C GLY C 16 -4.36 20.42 -18.24
N SER C 17 -4.24 19.14 -18.57
CA SER C 17 -5.34 18.18 -18.51
C SER C 17 -4.91 16.83 -17.94
N LEU C 18 -5.85 16.19 -17.24
CA LEU C 18 -5.71 14.83 -16.73
C LEU C 18 -7.01 14.08 -17.00
N ARG C 19 -6.96 12.76 -16.84
CA ARG C 19 -8.13 11.90 -16.93
C ARG C 19 -8.03 10.83 -15.86
N LEU C 20 -8.83 11.00 -14.80
CA LEU C 20 -8.90 10.02 -13.72
C LEU C 20 -9.85 8.91 -14.11
N SER C 21 -9.54 7.68 -13.65
CA SER C 21 -10.39 6.52 -13.80
C SER C 21 -10.59 5.88 -12.44
N CYS C 22 -11.75 5.23 -12.25
CA CYS C 22 -12.03 4.45 -11.05
C CYS C 22 -12.81 3.20 -11.43
N ALA C 23 -12.09 2.08 -11.56
CA ALA C 23 -12.68 0.80 -11.92
C ALA C 23 -13.24 0.14 -10.68
N ALA C 24 -14.49 -0.34 -10.79
CA ALA C 24 -15.21 -0.99 -9.70
C ALA C 24 -15.37 -2.48 -10.01
N SER C 25 -15.41 -3.29 -8.95
CA SER C 25 -15.60 -4.73 -9.04
C SER C 25 -16.04 -5.28 -7.69
N GLY C 26 -17.03 -6.20 -7.72
CA GLY C 26 -17.58 -6.82 -6.52
C GLY C 26 -19.09 -6.83 -6.54
N ALA C 27 -19.68 -5.63 -6.46
CA ALA C 27 -21.12 -5.44 -6.53
C ALA C 27 -21.53 -5.11 -7.96
N THR C 28 -22.85 -5.06 -8.20
CA THR C 28 -23.43 -4.69 -9.49
C THR C 28 -23.27 -3.18 -9.69
N PHE C 29 -22.44 -2.80 -10.65
CA PHE C 29 -21.97 -1.43 -10.82
C PHE C 29 -23.09 -0.41 -11.05
N ILE C 30 -24.11 -0.80 -11.83
CA ILE C 30 -25.16 0.14 -12.27
C ILE C 30 -26.15 0.54 -11.17
N THR C 31 -26.12 -0.18 -10.04
CA THR C 31 -26.94 0.15 -8.87
C THR C 31 -26.27 1.18 -7.96
N TYR C 32 -25.04 1.59 -8.30
CA TYR C 32 -24.28 2.57 -7.52
C TYR C 32 -24.16 3.91 -8.25
N GLY C 33 -24.42 4.99 -7.51
CA GLY C 33 -24.15 6.35 -7.95
C GLY C 33 -22.72 6.69 -7.54
N MET C 34 -21.90 7.03 -8.54
CA MET C 34 -20.49 7.33 -8.30
C MET C 34 -20.25 8.83 -8.21
N THR C 35 -19.34 9.20 -7.30
CA THR C 35 -19.03 10.59 -6.98
C THR C 35 -17.52 10.77 -6.81
N TRP C 36 -17.01 11.90 -7.32
CA TRP C 36 -15.61 12.29 -7.13
C TRP C 36 -15.55 13.34 -6.02
N PHE C 37 -14.72 13.06 -5.01
CA PHE C 37 -14.37 13.99 -3.95
C PHE C 37 -12.88 14.31 -4.06
N ARG C 38 -12.48 15.45 -3.47
CA ARG C 38 -11.07 15.81 -3.39
C ARG C 38 -10.75 16.42 -2.03
N GLN C 39 -9.53 16.17 -1.56
CA GLN C 39 -9.06 16.67 -0.27
C GLN C 39 -7.67 17.27 -0.39
N ALA C 40 -7.60 18.61 -0.26
CA ALA C 40 -6.38 19.37 -0.19
C ALA C 40 -5.82 19.26 1.23
N PRO C 41 -4.48 19.31 1.42
CA PRO C 41 -3.90 19.27 2.76
C PRO C 41 -4.41 20.40 3.66
N GLY C 42 -5.01 20.03 4.81
CA GLY C 42 -5.55 20.96 5.78
C GLY C 42 -7.05 21.20 5.69
N LYS C 43 -7.62 20.97 4.51
CA LYS C 43 -9.02 21.24 4.20
C LYS C 43 -9.88 19.98 4.35
N GLU C 44 -11.20 20.19 4.45
CA GLU C 44 -12.19 19.12 4.49
C GLU C 44 -12.37 18.53 3.10
N ARG C 45 -12.64 17.22 3.04
CA ARG C 45 -12.90 16.52 1.79
C ARG C 45 -14.19 17.05 1.16
N GLU C 46 -14.09 17.60 -0.05
CA GLU C 46 -15.21 18.28 -0.72
C GLU C 46 -15.70 17.57 -1.97
N PHE C 47 -17.00 17.75 -2.25
CA PHE C 47 -17.67 17.24 -3.45
C PHE C 47 -17.13 17.94 -4.69
N VAL C 48 -16.96 17.18 -5.78
CA VAL C 48 -16.47 17.70 -7.06
C VAL C 48 -17.50 17.46 -8.17
N ALA C 49 -17.86 16.19 -8.38
CA ALA C 49 -18.82 15.79 -9.39
C ALA C 49 -19.41 14.42 -9.08
N ALA C 50 -20.65 14.20 -9.54
CA ALA C 50 -21.38 12.96 -9.31
C ALA C 50 -22.14 12.55 -10.56
N VAL C 51 -22.35 11.24 -10.71
CA VAL C 51 -23.12 10.66 -11.81
C VAL C 51 -24.04 9.56 -11.30
N THR C 52 -25.21 9.44 -11.95
CA THR C 52 -26.22 8.45 -11.61
C THR C 52 -25.86 7.10 -12.21
N GLY C 53 -26.60 6.06 -11.80
CA GLY C 53 -26.38 4.70 -12.24
C GLY C 53 -26.41 4.50 -13.75
N ASN C 54 -27.42 5.10 -14.41
CA ASN C 54 -27.58 5.02 -15.86
C ASN C 54 -26.61 5.91 -16.64
N GLY C 55 -26.08 6.96 -15.99
CA GLY C 55 -25.10 7.86 -16.55
C GLY C 55 -25.65 9.15 -17.12
N ALA C 56 -26.98 9.31 -17.02
CA ALA C 56 -27.67 10.46 -17.59
C ALA C 56 -27.57 11.71 -16.72
N GLY C 57 -27.67 11.51 -15.40
CA GLY C 57 -27.71 12.58 -14.43
C GLY C 57 -26.34 12.89 -13.88
N THR C 58 -25.86 14.11 -14.16
CA THR C 58 -24.55 14.59 -13.69
C THR C 58 -24.71 15.92 -12.96
N THR C 59 -23.94 16.07 -11.88
CA THR C 59 -23.92 17.28 -11.04
C THR C 59 -22.45 17.67 -10.80
N TYR C 60 -22.18 18.98 -10.77
CA TYR C 60 -20.83 19.49 -10.56
C TYR C 60 -20.78 20.54 -9.46
N LEU C 61 -19.65 20.59 -8.74
CA LEU C 61 -19.29 21.71 -7.91
C LEU C 61 -19.20 22.93 -8.81
N PRO C 62 -19.88 24.06 -8.50
CA PRO C 62 -19.90 25.22 -9.40
C PRO C 62 -18.53 25.64 -9.96
N SER C 63 -17.51 25.62 -9.10
CA SER C 63 -16.12 25.98 -9.45
C SER C 63 -15.59 25.26 -10.68
N VAL C 64 -15.74 23.92 -10.70
CA VAL C 64 -15.17 23.06 -11.73
C VAL C 64 -16.11 22.78 -12.91
N LYS C 65 -17.33 23.32 -12.86
CA LYS C 65 -18.31 23.14 -13.92
C LYS C 65 -17.80 23.78 -15.20
N GLY C 66 -17.88 23.02 -16.31
CA GLY C 66 -17.38 23.45 -17.60
C GLY C 66 -15.98 22.93 -17.89
N ARG C 67 -15.11 23.05 -16.88
CA ARG C 67 -13.73 22.57 -16.96
C ARG C 67 -13.62 21.06 -16.76
N PHE C 68 -14.38 20.52 -15.79
CA PHE C 68 -14.40 19.09 -15.46
C PHE C 68 -15.62 18.42 -16.09
N THR C 69 -15.42 17.16 -16.53
CA THR C 69 -16.49 16.32 -17.07
C THR C 69 -16.43 14.95 -16.43
N ILE C 70 -17.56 14.51 -15.86
CA ILE C 70 -17.72 13.16 -15.33
C ILE C 70 -18.53 12.33 -16.32
N SER C 71 -18.24 11.03 -16.36
CA SER C 71 -18.90 10.07 -17.23
C SER C 71 -18.61 8.66 -16.72
N ARG C 72 -19.32 7.68 -17.26
CA ARG C 72 -19.11 6.29 -16.88
C ARG C 72 -19.45 5.34 -18.01
N ASP C 73 -18.73 4.22 -18.05
CA ASP C 73 -18.99 3.12 -18.97
C ASP C 73 -19.46 1.93 -18.14
N ASN C 74 -20.78 1.68 -18.18
CA ASN C 74 -21.41 0.63 -17.39
C ASN C 74 -21.13 -0.79 -17.90
N ALA C 75 -20.54 -0.90 -19.08
CA ALA C 75 -20.10 -2.17 -19.65
C ALA C 75 -18.77 -2.62 -19.03
N LYS C 76 -17.82 -1.69 -18.90
CA LYS C 76 -16.50 -1.94 -18.33
C LYS C 76 -16.35 -1.55 -16.85
N ASN C 77 -17.47 -1.21 -16.20
CA ASN C 77 -17.52 -0.89 -14.78
C ASN C 77 -16.48 0.12 -14.33
N THR C 78 -16.47 1.29 -14.98
CA THR C 78 -15.55 2.38 -14.66
C THR C 78 -16.25 3.72 -14.73
N VAL C 79 -15.79 4.66 -13.88
CA VAL C 79 -16.22 6.04 -13.90
C VAL C 79 -14.97 6.90 -14.16
N TYR C 80 -15.13 7.93 -15.00
CA TYR C 80 -14.05 8.81 -15.40
C TYR C 80 -14.29 10.23 -14.93
N LEU C 81 -13.20 10.98 -14.73
CA LEU C 81 -13.25 12.42 -14.52
C LEU C 81 -12.21 13.07 -15.42
N GLN C 82 -12.67 13.74 -16.47
CA GLN C 82 -11.84 14.46 -17.42
C GLN C 82 -11.67 15.89 -16.92
N MET C 83 -10.44 16.22 -16.50
CA MET C 83 -10.11 17.55 -16.01
C MET C 83 -9.43 18.37 -17.12
N SER C 84 -9.82 19.64 -17.24
CA SER C 84 -9.24 20.58 -18.20
C SER C 84 -9.02 21.93 -17.52
N SER C 85 -8.15 22.75 -18.13
CA SER C 85 -7.84 24.09 -17.65
C SER C 85 -7.55 24.08 -16.15
N LEU C 86 -6.68 23.14 -15.74
CA LEU C 86 -6.35 22.95 -14.34
C LEU C 86 -5.66 24.19 -13.75
N LYS C 87 -6.15 24.62 -12.58
CA LYS C 87 -5.56 25.72 -11.82
C LYS C 87 -4.78 25.13 -10.64
N PRO C 88 -3.95 25.92 -9.93
CA PRO C 88 -3.34 25.47 -8.67
C PRO C 88 -4.34 25.18 -7.54
N GLU C 89 -5.55 25.77 -7.63
CA GLU C 89 -6.69 25.45 -6.75
C GLU C 89 -7.00 23.95 -6.70
N ASP C 90 -6.90 23.29 -7.85
CA ASP C 90 -7.33 21.90 -8.04
C ASP C 90 -6.35 20.84 -7.53
N THR C 91 -5.22 21.27 -6.95
CA THR C 91 -4.25 20.38 -6.36
C THR C 91 -4.87 19.74 -5.12
N ALA C 92 -4.84 18.40 -5.08
CA ALA C 92 -5.43 17.61 -4.00
C ALA C 92 -5.32 16.12 -4.30
N VAL C 93 -5.72 15.31 -3.32
CA VAL C 93 -5.94 13.89 -3.52
C VAL C 93 -7.41 13.70 -3.89
N TYR C 94 -7.66 13.09 -5.06
CA TYR C 94 -9.01 12.88 -5.57
C TYR C 94 -9.46 11.46 -5.24
N TYR C 95 -10.60 11.35 -4.57
CA TYR C 95 -11.20 10.08 -4.18
C TYR C 95 -12.48 9.85 -4.95
N CYS C 96 -12.77 8.57 -5.24
CA CYS C 96 -14.01 8.15 -5.86
C CYS C 96 -14.84 7.39 -4.84
N GLY C 97 -16.10 7.82 -4.66
CA GLY C 97 -17.02 7.26 -3.70
C GLY C 97 -18.26 6.69 -4.36
N GLY C 98 -18.68 5.51 -3.90
CA GLY C 98 -19.89 4.86 -4.38
C GLY C 98 -20.97 4.78 -3.31
N ARG C 99 -22.22 5.04 -3.71
CA ARG C 99 -23.39 4.88 -2.86
C ARG C 99 -24.53 4.28 -3.68
N ARG C 100 -25.28 3.37 -3.04
CA ARG C 100 -26.29 2.58 -3.73
C ARG C 100 -27.54 3.40 -4.07
N TRP C 101 -27.91 3.37 -5.36
CA TRP C 101 -29.10 3.96 -5.97
C TRP C 101 -29.06 5.46 -6.24
N VAL C 102 -28.44 6.23 -5.33
CA VAL C 102 -28.35 7.67 -5.49
C VAL C 102 -26.92 8.10 -5.22
N PRO C 103 -26.31 8.95 -6.08
CA PRO C 103 -24.95 9.43 -5.82
C PRO C 103 -24.87 10.17 -4.48
N ALA C 104 -23.76 9.99 -3.77
CA ALA C 104 -23.48 10.72 -2.54
C ALA C 104 -23.16 12.18 -2.87
N THR C 105 -23.62 13.09 -2.02
CA THR C 105 -23.29 14.52 -2.12
C THR C 105 -22.48 15.02 -0.91
N ALA C 106 -22.38 14.19 0.12
CA ALA C 106 -21.59 14.45 1.30
C ALA C 106 -20.81 13.19 1.67
N VAL C 107 -19.67 13.38 2.36
CA VAL C 107 -18.73 12.32 2.66
C VAL C 107 -19.37 11.17 3.44
N ASP C 108 -20.14 11.51 4.47
CA ASP C 108 -20.83 10.53 5.32
C ASP C 108 -21.71 9.50 4.58
N GLN C 109 -22.27 9.90 3.43
CA GLN C 109 -23.16 9.08 2.62
C GLN C 109 -22.45 7.97 1.83
N VAL C 110 -21.14 8.11 1.61
CA VAL C 110 -20.37 7.17 0.80
C VAL C 110 -20.18 5.82 1.50
N ALA C 111 -20.55 4.74 0.80
CA ALA C 111 -20.47 3.38 1.29
C ALA C 111 -19.12 2.72 0.98
N TYR C 112 -18.56 3.04 -0.19
CA TYR C 112 -17.30 2.48 -0.67
C TYR C 112 -16.39 3.55 -1.28
N TRP C 113 -15.12 3.57 -0.85
CA TRP C 113 -14.10 4.49 -1.33
C TRP C 113 -13.01 3.80 -2.16
N GLY C 114 -12.32 4.57 -3.01
CA GLY C 114 -11.10 4.15 -3.66
C GLY C 114 -9.91 4.65 -2.85
N GLN C 115 -8.71 4.15 -3.18
CA GLN C 115 -7.48 4.46 -2.42
C GLN C 115 -7.08 5.94 -2.50
N GLY C 116 -7.49 6.61 -3.58
CA GLY C 116 -7.25 8.03 -3.78
C GLY C 116 -5.98 8.24 -4.59
N THR C 117 -6.08 9.12 -5.61
CA THR C 117 -5.00 9.39 -6.54
C THR C 117 -4.64 10.89 -6.47
N GLN C 118 -3.34 11.18 -6.30
CA GLN C 118 -2.83 12.54 -6.17
C GLN C 118 -2.83 13.28 -7.51
N VAL C 119 -3.24 14.55 -7.46
CA VAL C 119 -3.14 15.48 -8.58
C VAL C 119 -2.46 16.73 -8.08
N THR C 120 -1.33 17.09 -8.70
CA THR C 120 -0.59 18.30 -8.38
C THR C 120 -0.51 19.19 -9.61
N VAL C 121 -0.79 20.48 -9.43
CA VAL C 121 -0.82 21.46 -10.50
C VAL C 121 0.12 22.60 -10.15
N SER C 122 1.30 22.59 -10.77
CA SER C 122 2.35 23.58 -10.56
C SER C 122 2.16 24.78 -11.49
N SER C 123 2.87 25.88 -11.18
CA SER C 123 2.86 27.10 -12.00
C SER C 123 4.08 27.95 -11.69
N VAL D 2 -20.16 -7.11 17.68
CA VAL D 2 -18.93 -7.60 18.35
C VAL D 2 -17.88 -7.94 17.31
N GLN D 3 -16.69 -7.35 17.45
CA GLN D 3 -15.59 -7.58 16.52
C GLN D 3 -14.28 -7.87 17.26
N LEU D 4 -13.60 -8.93 16.83
CA LEU D 4 -12.28 -9.33 17.31
C LEU D 4 -11.27 -9.09 16.18
N VAL D 5 -10.24 -8.30 16.45
CA VAL D 5 -9.21 -7.95 15.48
C VAL D 5 -7.83 -8.36 16.00
N GLU D 6 -7.11 -9.14 15.19
CA GLU D 6 -5.85 -9.76 15.57
C GLU D 6 -4.64 -9.15 14.87
N SER D 7 -3.47 -9.34 15.48
CA SER D 7 -2.20 -8.82 14.99
C SER D 7 -1.03 -9.50 15.68
N GLY D 8 0.19 -9.25 15.19
CA GLY D 8 1.42 -9.72 15.81
C GLY D 8 2.06 -10.95 15.17
N GLY D 9 1.38 -11.52 14.17
CA GLY D 9 1.89 -12.65 13.42
C GLY D 9 2.99 -12.26 12.44
N GLY D 10 3.36 -13.21 11.58
CA GLY D 10 4.37 -12.99 10.56
C GLY D 10 5.35 -14.13 10.50
N LEU D 11 6.54 -13.86 9.92
CA LEU D 11 7.57 -14.86 9.73
C LEU D 11 8.68 -14.71 10.79
N VAL D 12 9.18 -15.85 11.27
CA VAL D 12 10.29 -15.89 12.22
C VAL D 12 11.05 -17.22 12.10
N GLN D 13 12.34 -17.21 12.46
CA GLN D 13 13.17 -18.42 12.44
C GLN D 13 12.89 -19.25 13.68
N ALA D 14 13.18 -20.56 13.59
CA ALA D 14 12.99 -21.50 14.68
C ALA D 14 13.76 -21.05 15.92
N GLY D 15 13.15 -21.26 17.09
CA GLY D 15 13.67 -20.79 18.36
C GLY D 15 13.31 -19.34 18.69
N GLY D 16 12.64 -18.66 17.75
CA GLY D 16 12.27 -17.26 17.87
C GLY D 16 11.02 -17.04 18.70
N SER D 17 10.55 -15.78 18.73
CA SER D 17 9.42 -15.36 19.54
C SER D 17 8.48 -14.42 18.78
N LEU D 18 7.19 -14.52 19.10
CA LEU D 18 6.16 -13.60 18.62
C LEU D 18 5.25 -13.24 19.78
N ARG D 19 4.41 -12.23 19.57
CA ARG D 19 3.39 -11.83 20.52
C ARG D 19 2.13 -11.46 19.77
N LEU D 20 1.14 -12.36 19.79
CA LEU D 20 -0.15 -12.12 19.17
C LEU D 20 -1.02 -11.28 20.10
N SER D 21 -1.88 -10.45 19.51
CA SER D 21 -2.87 -9.65 20.22
C SER D 21 -4.22 -9.86 19.56
N CYS D 22 -5.29 -9.76 20.35
CA CYS D 22 -6.66 -9.80 19.85
C CYS D 22 -7.52 -8.81 20.63
N ALA D 23 -7.71 -7.62 20.06
CA ALA D 23 -8.52 -6.57 20.67
C ALA D 23 -9.99 -6.83 20.39
N ALA D 24 -10.81 -6.75 21.44
CA ALA D 24 -12.25 -6.96 21.37
C ALA D 24 -12.99 -5.65 21.59
N SER D 25 -14.16 -5.53 20.98
CA SER D 25 -15.02 -4.35 21.10
C SER D 25 -16.44 -4.70 20.65
N GLY D 26 -17.44 -4.21 21.39
CA GLY D 26 -18.84 -4.44 21.10
C GLY D 26 -19.60 -4.87 22.35
N ALA D 27 -19.28 -6.07 22.84
CA ALA D 27 -19.83 -6.61 24.07
C ALA D 27 -18.90 -6.30 25.24
N THR D 28 -19.37 -6.60 26.46
CA THR D 28 -18.58 -6.43 27.68
C THR D 28 -17.53 -7.53 27.78
N PHE D 29 -16.26 -7.13 27.65
CA PHE D 29 -15.14 -8.04 27.46
C PHE D 29 -14.97 -9.07 28.57
N ILE D 30 -15.20 -8.67 29.83
CA ILE D 30 -14.91 -9.51 30.99
C ILE D 30 -15.89 -10.67 31.18
N THR D 31 -17.02 -10.64 30.47
CA THR D 31 -17.99 -11.73 30.48
C THR D 31 -17.65 -12.84 29.48
N TYR D 32 -16.58 -12.64 28.69
CA TYR D 32 -16.14 -13.59 27.67
C TYR D 32 -14.84 -14.29 28.06
N GLY D 33 -14.84 -15.63 27.90
CA GLY D 33 -13.65 -16.44 28.00
C GLY D 33 -13.01 -16.50 26.64
N MET D 34 -11.74 -16.06 26.55
CA MET D 34 -11.03 -15.98 25.29
C MET D 34 -10.11 -17.19 25.12
N THR D 35 -10.03 -17.67 23.87
CA THR D 35 -9.29 -18.87 23.51
C THR D 35 -8.54 -18.67 22.20
N TRP D 36 -7.30 -19.19 22.14
CA TRP D 36 -6.52 -19.20 20.91
C TRP D 36 -6.59 -20.58 20.27
N PHE D 37 -7.00 -20.60 19.01
CA PHE D 37 -6.98 -21.78 18.15
C PHE D 37 -5.98 -21.55 17.02
N ARG D 38 -5.51 -22.65 16.42
CA ARG D 38 -4.65 -22.58 15.25
C ARG D 38 -5.02 -23.65 14.24
N GLN D 39 -4.86 -23.31 12.95
CA GLN D 39 -5.19 -24.21 11.85
C GLN D 39 -4.08 -24.21 10.81
N ALA D 40 -3.39 -25.35 10.70
CA ALA D 40 -2.41 -25.61 9.65
C ALA D 40 -3.17 -26.05 8.39
N PRO D 41 -2.68 -25.74 7.17
CA PRO D 41 -3.39 -26.13 5.94
C PRO D 41 -3.58 -27.64 5.85
N GLY D 42 -4.84 -28.08 5.72
CA GLY D 42 -5.20 -29.49 5.60
C GLY D 42 -5.66 -30.15 6.90
N LYS D 43 -5.26 -29.58 8.04
CA LYS D 43 -5.59 -30.10 9.37
C LYS D 43 -6.82 -29.39 9.96
N GLU D 44 -7.41 -30.02 10.97
CA GLU D 44 -8.53 -29.45 11.72
C GLU D 44 -8.02 -28.36 12.67
N ARG D 45 -8.85 -27.33 12.88
CA ARG D 45 -8.55 -26.22 13.77
C ARG D 45 -8.47 -26.75 15.21
N GLU D 46 -7.32 -26.57 15.86
CA GLU D 46 -7.05 -27.14 17.18
C GLU D 46 -6.89 -26.08 18.29
N PHE D 47 -7.25 -26.47 19.50
CA PHE D 47 -7.10 -25.67 20.71
C PHE D 47 -5.61 -25.47 21.04
N VAL D 48 -5.26 -24.26 21.49
CA VAL D 48 -3.90 -23.90 21.88
C VAL D 48 -3.83 -23.46 23.33
N ALA D 49 -4.60 -22.43 23.67
CA ALA D 49 -4.65 -21.89 25.03
C ALA D 49 -5.93 -21.09 25.25
N ALA D 50 -6.38 -21.05 26.51
CA ALA D 50 -7.60 -20.36 26.91
C ALA D 50 -7.42 -19.64 28.23
N VAL D 51 -8.18 -18.55 28.41
CA VAL D 51 -8.17 -17.77 29.64
C VAL D 51 -9.60 -17.39 30.04
N THR D 52 -9.83 -17.32 31.36
CA THR D 52 -11.12 -16.97 31.94
C THR D 52 -11.32 -15.46 31.92
N GLY D 53 -12.55 -15.04 32.23
CA GLY D 53 -12.94 -13.63 32.24
C GLY D 53 -12.07 -12.74 33.12
N ASN D 54 -11.81 -13.20 34.35
CA ASN D 54 -10.99 -12.47 35.33
C ASN D 54 -9.49 -12.53 35.03
N GLY D 55 -9.06 -13.56 34.28
CA GLY D 55 -7.68 -13.72 33.86
C GLY D 55 -6.86 -14.66 34.72
N ALA D 56 -7.49 -15.23 35.75
CA ALA D 56 -6.81 -16.10 36.71
C ALA D 56 -6.63 -17.52 36.18
N GLY D 57 -7.65 -18.04 35.50
CA GLY D 57 -7.67 -19.41 35.01
C GLY D 57 -7.15 -19.52 33.60
N THR D 58 -6.03 -20.23 33.43
CA THR D 58 -5.40 -20.46 32.14
C THR D 58 -5.18 -21.95 31.90
N THR D 59 -5.43 -22.40 30.67
CA THR D 59 -5.25 -23.78 30.25
C THR D 59 -4.49 -23.79 28.91
N TYR D 60 -3.63 -24.80 28.73
CA TYR D 60 -2.80 -24.93 27.55
C TYR D 60 -2.89 -26.31 26.93
N LEU D 61 -2.75 -26.37 25.61
CA LEU D 61 -2.48 -27.61 24.88
C LEU D 61 -1.15 -28.13 25.40
N PRO D 62 -1.05 -29.40 25.84
CA PRO D 62 0.18 -29.91 26.47
C PRO D 62 1.48 -29.58 25.69
N SER D 63 1.42 -29.70 24.36
CA SER D 63 2.54 -29.41 23.45
C SER D 63 3.21 -28.05 23.69
N VAL D 64 2.38 -27.00 23.74
CA VAL D 64 2.86 -25.61 23.83
C VAL D 64 2.98 -25.07 25.26
N LYS D 65 2.64 -25.90 26.25
CA LYS D 65 2.74 -25.52 27.66
C LYS D 65 4.19 -25.28 28.02
N GLY D 66 4.45 -24.15 28.69
CA GLY D 66 5.79 -23.72 29.06
C GLY D 66 6.38 -22.74 28.05
N ARG D 67 6.22 -23.06 26.76
CA ARG D 67 6.69 -22.23 25.66
C ARG D 67 5.75 -21.05 25.39
N PHE D 68 4.43 -21.31 25.42
CA PHE D 68 3.40 -20.29 25.16
C PHE D 68 2.81 -19.79 26.47
N THR D 69 2.46 -18.49 26.50
CA THR D 69 1.81 -17.85 27.63
C THR D 69 0.62 -17.01 27.14
N ILE D 70 -0.55 -17.28 27.70
CA ILE D 70 -1.75 -16.49 27.44
C ILE D 70 -1.99 -15.56 28.63
N SER D 71 -2.57 -14.39 28.33
CA SER D 71 -2.89 -13.37 29.34
C SER D 71 -3.87 -12.39 28.73
N ARG D 72 -4.44 -11.51 29.55
CA ARG D 72 -5.36 -10.50 29.09
C ARG D 72 -5.34 -9.27 29.96
N ASP D 73 -5.60 -8.12 29.33
CA ASP D 73 -5.77 -6.84 30.00
C ASP D 73 -7.22 -6.42 29.86
N ASN D 74 -8.00 -6.58 30.92
CA ASN D 74 -9.43 -6.30 30.92
C ASN D 74 -9.78 -4.82 30.91
N ALA D 75 -8.77 -3.96 31.12
CA ALA D 75 -8.92 -2.51 31.02
C ALA D 75 -8.92 -2.05 29.56
N LYS D 76 -7.99 -2.59 28.76
CA LYS D 76 -7.87 -2.26 27.33
C LYS D 76 -8.48 -3.29 26.37
N ASN D 77 -9.27 -4.22 26.94
CA ASN D 77 -10.04 -5.20 26.17
C ASN D 77 -9.22 -5.95 25.12
N THR D 78 -8.13 -6.57 25.55
CA THR D 78 -7.25 -7.35 24.67
C THR D 78 -6.79 -8.62 25.36
N VAL D 79 -6.58 -9.67 24.55
CA VAL D 79 -6.00 -10.92 24.99
C VAL D 79 -4.72 -11.13 24.18
N TYR D 80 -3.66 -11.61 24.86
CA TYR D 80 -2.35 -11.81 24.25
C TYR D 80 -1.96 -13.28 24.27
N LEU D 81 -1.11 -13.66 23.31
CA LEU D 81 -0.46 -14.96 23.31
C LEU D 81 1.04 -14.74 23.02
N GLN D 82 1.86 -14.89 24.05
CA GLN D 82 3.31 -14.77 23.97
C GLN D 82 3.90 -16.14 23.62
N MET D 83 4.43 -16.26 22.41
CA MET D 83 5.04 -17.49 21.92
C MET D 83 6.56 -17.41 22.05
N SER D 84 7.16 -18.51 22.51
CA SER D 84 8.61 -18.64 22.65
C SER D 84 9.05 -20.01 22.14
N SER D 85 10.35 -20.14 21.84
CA SER D 85 10.95 -21.38 21.39
C SER D 85 10.12 -22.01 20.27
N LEU D 86 9.74 -21.19 19.28
CA LEU D 86 8.91 -21.62 18.18
C LEU D 86 9.57 -22.72 17.34
N LYS D 87 8.81 -23.79 17.09
CA LYS D 87 9.23 -24.90 16.23
C LYS D 87 8.52 -24.77 14.89
N PRO D 88 8.95 -25.52 13.85
CA PRO D 88 8.19 -25.60 12.59
C PRO D 88 6.78 -26.21 12.74
N GLU D 89 6.55 -26.99 13.80
CA GLU D 89 5.24 -27.50 14.20
C GLU D 89 4.18 -26.40 14.34
N ASP D 90 4.61 -25.25 14.88
CA ASP D 90 3.73 -24.15 15.26
C ASP D 90 3.26 -23.25 14.09
N THR D 91 3.71 -23.58 12.87
CA THR D 91 3.30 -22.86 11.67
C THR D 91 1.83 -23.12 11.42
N ALA D 92 1.06 -22.04 11.29
CA ALA D 92 -0.40 -22.10 11.09
C ALA D 92 -1.00 -20.69 11.11
N VAL D 93 -2.30 -20.61 10.83
CA VAL D 93 -3.09 -19.42 11.05
C VAL D 93 -3.69 -19.52 12.45
N TYR D 94 -3.41 -18.52 13.30
CA TYR D 94 -3.87 -18.50 14.67
C TYR D 94 -5.13 -17.63 14.77
N TYR D 95 -6.21 -18.21 15.29
CA TYR D 95 -7.48 -17.53 15.50
C TYR D 95 -7.75 -17.34 16.98
N CYS D 96 -8.43 -16.24 17.30
CA CYS D 96 -8.90 -15.95 18.63
C CYS D 96 -10.42 -16.08 18.69
N GLY D 97 -10.91 -16.89 19.63
CA GLY D 97 -12.32 -17.18 19.79
C GLY D 97 -12.85 -16.77 21.15
N GLY D 98 -14.03 -16.16 21.16
CA GLY D 98 -14.70 -15.73 22.37
C GLY D 98 -15.98 -16.51 22.63
N ARG D 99 -16.20 -16.87 23.90
CA ARG D 99 -17.43 -17.51 24.37
C ARG D 99 -17.79 -16.96 25.73
N ARG D 100 -19.09 -16.75 25.96
CA ARG D 100 -19.64 -16.29 27.25
C ARG D 100 -19.92 -17.65 27.88
N TRP D 101 -19.83 -17.86 29.20
CA TRP D 101 -19.19 -17.10 30.26
C TRP D 101 -17.90 -17.83 30.63
N VAL D 102 -17.61 -18.86 29.83
CA VAL D 102 -16.54 -19.81 30.07
C VAL D 102 -15.76 -19.98 28.77
N PRO D 103 -14.42 -20.11 28.82
CA PRO D 103 -13.63 -20.27 27.59
C PRO D 103 -14.05 -21.50 26.80
N ALA D 104 -14.07 -21.37 25.47
CA ALA D 104 -14.31 -22.49 24.57
C ALA D 104 -13.11 -23.43 24.59
N THR D 105 -13.37 -24.73 24.51
CA THR D 105 -12.33 -25.75 24.39
C THR D 105 -12.41 -26.52 23.05
N ALA D 106 -13.51 -26.31 22.32
CA ALA D 106 -13.73 -26.89 21.00
C ALA D 106 -14.30 -25.82 20.09
N VAL D 107 -14.08 -25.98 18.79
CA VAL D 107 -14.41 -24.97 17.77
C VAL D 107 -15.90 -24.61 17.80
N ASP D 108 -16.76 -25.64 17.83
CA ASP D 108 -18.20 -25.49 17.97
C ASP D 108 -18.77 -24.52 18.97
N GLN D 109 -18.06 -24.42 20.10
CA GLN D 109 -18.46 -23.62 21.25
C GLN D 109 -18.23 -22.10 21.07
N VAL D 110 -17.35 -21.73 20.12
CA VAL D 110 -16.97 -20.33 19.91
C VAL D 110 -18.10 -19.53 19.27
N ALA D 111 -18.45 -18.40 19.92
CA ALA D 111 -19.52 -17.50 19.49
C ALA D 111 -19.03 -16.42 18.53
N TYR D 112 -17.80 -15.93 18.78
CA TYR D 112 -17.17 -14.85 17.99
C TYR D 112 -15.71 -15.16 17.68
N TRP D 113 -15.34 -15.01 16.39
CA TRP D 113 -13.98 -15.23 15.89
C TRP D 113 -13.30 -13.94 15.43
N GLY D 114 -11.97 -13.96 15.41
CA GLY D 114 -11.16 -12.94 14.77
C GLY D 114 -10.82 -13.37 13.36
N GLN D 115 -10.29 -12.45 12.55
CA GLN D 115 -9.98 -12.71 11.15
C GLN D 115 -8.88 -13.76 10.94
N GLY D 116 -7.99 -13.89 11.94
CA GLY D 116 -6.93 -14.88 11.92
C GLY D 116 -5.63 -14.28 11.40
N THR D 117 -4.54 -14.53 12.11
CA THR D 117 -3.22 -13.97 11.79
C THR D 117 -2.24 -15.13 11.53
N GLN D 118 -1.52 -15.06 10.40
CA GLN D 118 -0.57 -16.09 9.98
C GLN D 118 0.72 -16.05 10.81
N VAL D 119 1.21 -17.24 11.18
CA VAL D 119 2.52 -17.42 11.79
C VAL D 119 3.23 -18.49 11.01
N THR D 120 4.42 -18.15 10.48
CA THR D 120 5.27 -19.08 9.77
C THR D 120 6.62 -19.16 10.48
N VAL D 121 7.10 -20.39 10.68
CA VAL D 121 8.34 -20.67 11.38
C VAL D 121 9.24 -21.51 10.47
N SER D 122 10.23 -20.83 9.88
CA SER D 122 11.20 -21.45 8.97
C SER D 122 12.39 -22.03 9.73
N SER D 123 13.15 -22.90 9.05
CA SER D 123 14.27 -23.64 9.62
C SER D 123 15.59 -23.02 9.17
#